data_7KCE
#
_entry.id   7KCE
#
_cell.length_a   67.970
_cell.length_b   94.240
_cell.length_c   116.810
_cell.angle_alpha   90.000
_cell.angle_beta   90.000
_cell.angle_gamma   90.000
#
_symmetry.space_group_name_H-M   'I 2 2 2'
#
loop_
_entity.id
_entity.type
_entity.pdbx_description
1 polymer 'S-adenosylmethionine synthase isoform type-2'
2 non-polymer 5-methyl-2,3-diphenylpyrazolo[1,5-a]pyrimidin-7(4H)-one
3 non-polymer S-ADENOSYLMETHIONINE
4 non-polymer 'CHLORIDE ION'
5 water water
#
_entity_poly.entity_id   1
_entity_poly.type   'polypeptide(L)'
_entity_poly.pdbx_seq_one_letter_code
;SMNGQLNGFHEAFIEEGTFLFTSESVGEGHPDKICDQISDAVLDAHLQQDPDAKVACETVAKTGMILLAGEITSRAAVDY
QKVVREAVKHIGYDDSSKGFDYKTCNVLVALEQQSPDIAQGVHLDRNEEDIGAGDQGLMFGYATDETEECMPLTIVLAHK
LNAKLAELRRNGTLPWLRPDSKTQVTVQYMQDRGAVLPIRVHTIVISVQHDEEVCLDEMRDALKEKVIKAVVPAKYLDED
TIYHLQPSGRFVIGGPQGDAGLTGRKIIVDTYGGWGAHGGGAFSGKDYTKVDRSAAYAARWVAKSLVKGGLCRRVLVQVS
YAIGVSHPLSISIFHYGTSQKSERELLEIVKKNFDLRPGVIVRDLDLKKPIYQRTAAYGHFGRDSFPWEVPKKLKY
;
_entity_poly.pdbx_strand_id   A
#
# COMPACT_ATOMS: atom_id res chain seq x y z
N GLY A 17 16.66 7.96 25.77
CA GLY A 17 16.58 6.87 24.82
C GLY A 17 15.33 6.86 23.95
N THR A 18 14.55 7.95 24.02
CA THR A 18 13.32 8.03 23.26
C THR A 18 13.53 8.89 22.02
N PHE A 19 12.66 8.68 21.04
CA PHE A 19 12.69 9.46 19.82
C PHE A 19 11.29 9.56 19.27
N LEU A 20 11.08 10.54 18.40
CA LEU A 20 9.82 10.68 17.70
C LEU A 20 9.91 10.07 16.31
N PHE A 21 8.79 9.55 15.82
CA PHE A 21 8.72 9.11 14.43
C PHE A 21 7.33 9.41 13.92
N THR A 22 7.23 9.87 12.67
CA THR A 22 5.97 10.27 12.07
C THR A 22 5.70 9.46 10.81
N SER A 23 4.45 9.03 10.64
CA SER A 23 3.97 8.45 9.39
C SER A 23 2.65 9.09 9.02
N GLU A 24 2.30 9.01 7.73
CA GLU A 24 1.02 9.50 7.24
C GLU A 24 0.24 8.42 6.50
N SER A 25 -1.05 8.70 6.29
CA SER A 25 -1.89 7.89 5.42
C SER A 25 -2.86 8.84 4.73
N VAL A 26 -3.56 8.33 3.72
CA VAL A 26 -4.58 9.12 3.04
C VAL A 26 -5.82 8.26 2.82
N GLY A 27 -6.92 8.93 2.59
CA GLY A 27 -8.17 8.26 2.33
C GLY A 27 -8.38 7.80 0.90
N GLU A 28 -9.50 7.07 0.76
CA GLU A 28 -9.88 6.48 -0.51
C GLU A 28 -10.12 7.52 -1.59
N GLY A 29 -10.54 8.73 -1.23
CA GLY A 29 -10.75 9.79 -2.18
C GLY A 29 -9.63 10.76 -2.32
N HIS A 30 -8.51 10.50 -1.67
CA HIS A 30 -7.31 11.30 -1.95
C HIS A 30 -6.96 11.11 -3.43
N PRO A 31 -6.62 12.15 -4.17
CA PRO A 31 -6.52 11.98 -5.64
C PRO A 31 -5.48 10.98 -6.09
N ASP A 32 -4.32 10.89 -5.44
CA ASP A 32 -3.35 9.85 -5.79
C ASP A 32 -3.92 8.46 -5.51
N LYS A 33 -4.60 8.33 -4.39
CA LYS A 33 -5.19 7.04 -4.06
C LYS A 33 -6.32 6.67 -5.01
N ILE A 34 -7.11 7.63 -5.49
CA ILE A 34 -8.09 7.33 -6.51
C ILE A 34 -7.40 6.65 -7.68
N CYS A 35 -6.28 7.22 -8.13
CA CYS A 35 -5.55 6.67 -9.25
C CYS A 35 -5.05 5.25 -8.97
N ASP A 36 -4.49 4.99 -7.80
CA ASP A 36 -4.06 3.64 -7.49
C ASP A 36 -5.24 2.66 -7.55
N GLN A 37 -6.38 3.03 -6.96
CA GLN A 37 -7.55 2.16 -6.97
C GLN A 37 -8.08 1.91 -8.38
N ILE A 38 -8.10 2.94 -9.24
CA ILE A 38 -8.55 2.75 -10.62
C ILE A 38 -7.58 1.86 -11.37
N SER A 39 -6.29 2.09 -11.21
CA SER A 39 -5.30 1.24 -11.86
C SER A 39 -5.48 -0.22 -11.47
N ASP A 40 -5.74 -0.49 -10.19
CA ASP A 40 -5.95 -1.86 -9.76
C ASP A 40 -7.33 -2.40 -10.13
N ALA A 41 -8.36 -1.54 -10.27
CA ALA A 41 -9.63 -1.99 -10.82
C ALA A 41 -9.45 -2.46 -12.25
N VAL A 42 -8.65 -1.74 -13.03
CA VAL A 42 -8.35 -2.15 -14.40
C VAL A 42 -7.59 -3.47 -14.42
N LEU A 43 -6.57 -3.59 -13.57
CA LEU A 43 -5.82 -4.84 -13.48
C LEU A 43 -6.75 -6.00 -13.14
N ASP A 44 -7.60 -5.82 -12.14
CA ASP A 44 -8.50 -6.91 -11.74
C ASP A 44 -9.46 -7.26 -12.87
N ALA A 45 -9.96 -6.25 -13.58
CA ALA A 45 -10.90 -6.53 -14.66
C ALA A 45 -10.24 -7.38 -15.73
N HIS A 46 -8.99 -7.09 -16.06
CA HIS A 46 -8.25 -7.93 -17.01
C HIS A 46 -8.04 -9.34 -16.47
N LEU A 47 -7.59 -9.44 -15.22
CA LEU A 47 -7.29 -10.75 -14.67
C LEU A 47 -8.52 -11.62 -14.55
N GLN A 48 -9.69 -11.04 -14.35
CA GLN A 48 -10.90 -11.84 -14.28
C GLN A 48 -11.13 -12.62 -15.56
N GLN A 49 -10.70 -12.11 -16.70
CA GLN A 49 -10.86 -12.77 -17.97
C GLN A 49 -9.60 -13.45 -18.47
N ASP A 50 -8.43 -12.90 -18.15
CA ASP A 50 -7.16 -13.42 -18.65
C ASP A 50 -6.15 -13.41 -17.51
N PRO A 51 -5.98 -14.52 -16.81
CA PRO A 51 -5.05 -14.55 -15.68
C PRO A 51 -3.62 -14.18 -16.03
N ASP A 52 -3.25 -14.30 -17.31
CA ASP A 52 -1.90 -13.95 -17.77
C ASP A 52 -1.82 -12.59 -18.41
N ALA A 53 -2.82 -11.73 -18.21
CA ALA A 53 -2.75 -10.39 -18.76
C ALA A 53 -1.46 -9.69 -18.32
N LYS A 54 -0.86 -8.95 -19.26
CA LYS A 54 0.29 -8.10 -19.00
C LYS A 54 -0.24 -6.68 -18.90
N VAL A 55 -0.15 -6.09 -17.70
CA VAL A 55 -0.83 -4.84 -17.40
C VAL A 55 0.17 -3.88 -16.76
N ALA A 56 0.16 -2.65 -17.25
CA ALA A 56 0.99 -1.55 -16.76
C ALA A 56 0.17 -0.28 -16.92
N CYS A 57 -0.85 -0.16 -16.08
CA CYS A 57 -1.88 0.86 -16.24
C CYS A 57 -1.70 1.99 -15.25
N GLU A 58 -1.25 3.15 -15.75
CA GLU A 58 -1.18 4.37 -14.94
C GLU A 58 -2.50 5.11 -15.06
N THR A 59 -2.90 5.78 -13.98
CA THR A 59 -4.08 6.62 -13.97
C THR A 59 -3.65 8.03 -13.55
N VAL A 60 -4.26 9.02 -14.17
CA VAL A 60 -4.03 10.42 -13.88
C VAL A 60 -5.39 11.04 -13.62
N ALA A 61 -5.49 11.87 -12.59
CA ALA A 61 -6.76 12.49 -12.24
C ALA A 61 -6.59 13.99 -12.05
N LYS A 62 -7.46 14.78 -12.66
CA LYS A 62 -7.52 16.22 -12.41
C LYS A 62 -8.98 16.59 -12.54
N THR A 63 -9.36 17.85 -12.32
CA THR A 63 -10.78 18.23 -12.38
C THR A 63 -11.46 17.61 -13.58
N GLY A 64 -12.52 16.82 -13.32
CA GLY A 64 -13.34 16.28 -14.39
C GLY A 64 -12.71 15.18 -15.22
N MET A 65 -11.51 14.73 -14.91
CA MET A 65 -10.79 13.83 -15.81
C MET A 65 -10.17 12.65 -15.09
N ILE A 66 -10.41 11.45 -15.64
CA ILE A 66 -9.56 10.28 -15.41
C ILE A 66 -8.95 9.92 -16.75
N LEU A 67 -7.62 9.89 -16.81
CA LEU A 67 -6.88 9.41 -17.96
C LEU A 67 -6.16 8.11 -17.61
N LEU A 68 -6.31 7.10 -18.45
CA LEU A 68 -5.55 5.86 -18.35
C LEU A 68 -4.43 5.92 -19.38
N ALA A 69 -3.22 5.66 -18.96
CA ALA A 69 -2.06 5.67 -19.86
C ALA A 69 -1.14 4.50 -19.54
N GLY A 70 -0.62 3.83 -20.54
CA GLY A 70 0.24 2.72 -20.26
C GLY A 70 0.07 1.62 -21.28
N GLU A 71 0.39 0.40 -20.84
CA GLU A 71 0.57 -0.72 -21.74
C GLU A 71 -0.15 -1.95 -21.20
N ILE A 72 -1.03 -2.51 -22.02
CA ILE A 72 -1.78 -3.71 -21.65
C ILE A 72 -1.80 -4.65 -22.85
N THR A 73 -1.35 -5.89 -22.65
CA THR A 73 -1.57 -6.96 -23.63
C THR A 73 -2.32 -8.07 -22.93
N SER A 74 -3.53 -8.33 -23.41
CA SER A 74 -4.50 -9.14 -22.69
C SER A 74 -5.54 -9.68 -23.67
N ARG A 75 -6.03 -10.88 -23.38
CA ARG A 75 -7.15 -11.43 -24.14
C ARG A 75 -8.50 -10.95 -23.64
N ALA A 76 -8.52 -10.21 -22.55
CA ALA A 76 -9.76 -9.70 -21.99
C ALA A 76 -10.36 -8.63 -22.89
N ALA A 77 -11.68 -8.47 -22.78
CA ALA A 77 -12.41 -7.36 -23.38
C ALA A 77 -12.95 -6.55 -22.21
N VAL A 78 -12.35 -5.40 -21.96
CA VAL A 78 -12.60 -4.60 -20.77
C VAL A 78 -13.27 -3.29 -21.20
N ASP A 79 -14.36 -2.94 -20.54
CA ASP A 79 -15.05 -1.68 -20.75
C ASP A 79 -14.45 -0.69 -19.76
N TYR A 80 -13.47 0.08 -20.24
CA TYR A 80 -12.75 1.02 -19.38
C TYR A 80 -13.68 2.06 -18.79
N GLN A 81 -14.63 2.57 -19.57
CA GLN A 81 -15.58 3.55 -19.06
C GLN A 81 -16.29 3.03 -17.83
N LYS A 82 -16.82 1.81 -17.92
CA LYS A 82 -17.54 1.21 -16.80
C LYS A 82 -16.62 0.95 -15.62
N VAL A 83 -15.42 0.43 -15.87
CA VAL A 83 -14.55 0.05 -14.76
C VAL A 83 -14.11 1.29 -14.00
N VAL A 84 -13.73 2.34 -14.73
CA VAL A 84 -13.32 3.58 -14.09
C VAL A 84 -14.46 4.17 -13.30
N ARG A 85 -15.64 4.29 -13.92
CA ARG A 85 -16.73 4.98 -13.26
C ARG A 85 -17.23 4.22 -12.06
N GLU A 86 -17.24 2.90 -12.10
CA GLU A 86 -17.66 2.15 -10.92
C GLU A 86 -16.65 2.31 -9.78
N ALA A 87 -15.36 2.42 -10.08
CA ALA A 87 -14.38 2.61 -9.02
C ALA A 87 -14.59 3.96 -8.33
N VAL A 88 -14.84 4.99 -9.12
CA VAL A 88 -15.06 6.34 -8.60
C VAL A 88 -16.36 6.38 -7.79
N LYS A 89 -17.39 5.68 -8.26
CA LYS A 89 -18.63 5.58 -7.51
CA LYS A 89 -18.64 5.58 -7.50
C LYS A 89 -18.39 4.96 -6.14
N HIS A 90 -17.62 3.87 -6.10
CA HIS A 90 -17.35 3.21 -4.83
C HIS A 90 -16.65 4.13 -3.83
N ILE A 91 -15.71 4.92 -4.31
CA ILE A 91 -14.99 5.88 -3.50
C ILE A 91 -15.91 6.93 -2.91
N GLY A 92 -16.95 7.33 -3.64
CA GLY A 92 -17.96 8.24 -3.14
C GLY A 92 -18.10 9.55 -3.89
N TYR A 93 -17.37 9.72 -5.01
CA TYR A 93 -17.46 10.96 -5.79
C TYR A 93 -18.61 10.79 -6.80
N ASP A 94 -19.79 11.24 -6.38
CA ASP A 94 -21.03 11.00 -7.11
C ASP A 94 -21.84 12.28 -7.32
N ASP A 95 -21.23 13.44 -7.26
CA ASP A 95 -22.02 14.65 -7.46
C ASP A 95 -21.09 15.84 -7.66
N SER A 96 -21.50 16.75 -8.54
CA SER A 96 -20.71 17.95 -8.80
C SER A 96 -20.49 18.77 -7.53
N SER A 97 -21.42 18.69 -6.57
CA SER A 97 -21.23 19.42 -5.33
C SER A 97 -20.02 18.95 -4.53
N LYS A 98 -19.56 17.71 -4.73
CA LYS A 98 -18.42 17.12 -4.04
C LYS A 98 -17.13 17.35 -4.81
N GLY A 99 -17.22 17.95 -5.99
CA GLY A 99 -16.06 18.26 -6.79
C GLY A 99 -15.73 17.27 -7.88
N PHE A 100 -16.44 16.16 -7.95
CA PHE A 100 -16.12 15.08 -8.88
C PHE A 100 -17.33 14.15 -8.91
N ASP A 101 -17.67 13.65 -10.09
CA ASP A 101 -18.84 12.79 -10.24
C ASP A 101 -18.52 11.70 -11.25
N TYR A 102 -18.58 10.43 -10.80
CA TYR A 102 -18.35 9.30 -11.70
C TYR A 102 -19.31 9.29 -12.87
N LYS A 103 -20.51 9.85 -12.72
CA LYS A 103 -21.50 9.76 -13.79
C LYS A 103 -21.14 10.63 -14.98
N THR A 104 -20.44 11.73 -14.73
CA THR A 104 -20.32 12.81 -15.69
C THR A 104 -18.90 13.27 -15.95
N CYS A 105 -17.90 12.65 -15.36
CA CYS A 105 -16.51 13.00 -15.63
C CYS A 105 -16.10 12.48 -16.99
N ASN A 106 -14.98 13.01 -17.49
CA ASN A 106 -14.33 12.53 -18.70
C ASN A 106 -13.43 11.36 -18.36
N VAL A 107 -13.55 10.28 -19.13
CA VAL A 107 -12.61 9.17 -19.07
C VAL A 107 -11.94 9.10 -20.43
N LEU A 108 -10.62 9.29 -20.44
CA LEU A 108 -9.77 9.27 -21.63
C LEU A 108 -8.84 8.07 -21.52
N VAL A 109 -8.56 7.40 -22.65
CA VAL A 109 -7.75 6.20 -22.66
C VAL A 109 -6.62 6.33 -23.67
N ALA A 110 -5.37 6.15 -23.22
CA ALA A 110 -4.16 6.16 -24.04
C ALA A 110 -3.37 4.90 -23.69
N LEU A 111 -3.95 3.77 -24.05
CA LEU A 111 -3.41 2.45 -23.74
C LEU A 111 -2.98 1.76 -25.02
N GLU A 112 -1.77 1.27 -25.02
CA GLU A 112 -1.20 0.52 -26.12
CA GLU A 112 -1.25 0.50 -26.14
C GLU A 112 -0.84 -0.89 -25.66
N GLN A 113 -0.45 -1.73 -26.60
CA GLN A 113 0.08 -3.02 -26.22
C GLN A 113 1.41 -2.86 -25.46
N GLN A 114 1.75 -3.89 -24.69
CA GLN A 114 3.11 -3.99 -24.15
C GLN A 114 4.12 -3.96 -25.28
N SER A 115 5.21 -3.23 -25.07
CA SER A 115 6.30 -3.23 -26.02
C SER A 115 6.69 -4.65 -26.39
N PRO A 116 6.77 -4.98 -27.68
CA PRO A 116 7.22 -6.33 -28.06
C PRO A 116 8.66 -6.59 -27.64
N ASP A 117 9.45 -5.52 -27.51
CA ASP A 117 10.84 -5.70 -27.08
C ASP A 117 10.89 -6.15 -25.62
N ILE A 118 10.05 -5.58 -24.78
CA ILE A 118 9.94 -6.06 -23.41
C ILE A 118 9.43 -7.49 -23.40
N ALA A 119 8.34 -7.73 -24.12
CA ALA A 119 7.73 -9.05 -24.07
C ALA A 119 8.72 -10.13 -24.44
N GLN A 120 9.48 -9.93 -25.53
CA GLN A 120 10.41 -10.96 -25.95
C GLN A 120 11.53 -11.19 -24.95
N GLY A 121 11.92 -10.17 -24.22
CA GLY A 121 12.99 -10.31 -23.27
C GLY A 121 12.58 -10.80 -21.91
N VAL A 122 11.30 -10.73 -21.58
CA VAL A 122 10.78 -11.08 -20.26
C VAL A 122 10.08 -12.43 -20.25
N HIS A 123 9.12 -12.63 -21.15
CA HIS A 123 8.21 -13.76 -20.98
C HIS A 123 7.92 -14.57 -22.22
N LEU A 124 8.16 -14.08 -23.41
CA LEU A 124 7.77 -14.87 -24.56
CA LEU A 124 7.85 -14.83 -24.62
C LEU A 124 8.65 -16.12 -24.66
N ASP A 125 8.00 -17.25 -24.90
CA ASP A 125 8.67 -18.53 -25.05
C ASP A 125 9.51 -18.87 -23.82
N ARG A 126 9.02 -18.52 -22.64
N ARG A 126 9.02 -18.48 -22.64
CA ARG A 126 9.68 -18.92 -21.41
CA ARG A 126 9.61 -18.84 -21.37
C ARG A 126 8.76 -19.70 -20.51
C ARG A 126 8.69 -19.81 -20.61
N ASN A 127 9.30 -20.79 -19.98
CA ASN A 127 8.61 -21.55 -18.95
C ASN A 127 8.19 -20.61 -17.81
N GLU A 128 6.97 -20.76 -17.30
CA GLU A 128 6.46 -19.75 -16.36
C GLU A 128 7.38 -19.58 -15.16
N GLU A 129 7.84 -20.69 -14.57
N GLU A 129 7.83 -20.70 -14.58
CA GLU A 129 8.71 -20.56 -13.39
CA GLU A 129 8.71 -20.62 -13.41
C GLU A 129 9.99 -19.79 -13.72
C GLU A 129 10.01 -19.87 -13.72
N ASP A 130 10.40 -19.82 -14.99
CA ASP A 130 11.64 -19.21 -15.44
C ASP A 130 11.44 -17.90 -16.21
N ILE A 131 10.27 -17.28 -16.06
N ILE A 131 10.26 -17.29 -16.08
CA ILE A 131 10.00 -15.97 -16.61
CA ILE A 131 10.05 -15.97 -16.65
C ILE A 131 10.96 -14.95 -16.01
C ILE A 131 11.09 -15.02 -16.07
N GLY A 132 11.49 -14.06 -16.85
CA GLY A 132 12.38 -13.05 -16.34
C GLY A 132 11.64 -12.01 -15.54
N ALA A 133 12.35 -11.33 -14.67
CA ALA A 133 11.80 -10.12 -14.05
C ALA A 133 11.35 -9.16 -15.15
N GLY A 134 10.23 -8.48 -14.92
CA GLY A 134 9.69 -7.56 -15.91
C GLY A 134 10.43 -6.25 -16.00
N ASP A 135 11.36 -6.00 -15.08
CA ASP A 135 12.20 -4.80 -15.07
C ASP A 135 13.37 -5.11 -14.16
N GLN A 136 14.40 -4.26 -14.22
CA GLN A 136 15.34 -4.21 -13.11
C GLN A 136 14.66 -3.51 -11.92
N GLY A 137 15.33 -3.52 -10.76
CA GLY A 137 14.94 -2.69 -9.65
C GLY A 137 15.29 -3.35 -8.34
N LEU A 138 15.06 -2.59 -7.29
CA LEU A 138 15.30 -3.03 -5.93
C LEU A 138 14.01 -2.90 -5.16
N MET A 139 13.84 -3.77 -4.16
CA MET A 139 12.61 -3.82 -3.38
C MET A 139 12.95 -4.21 -1.95
N PHE A 140 12.16 -3.73 -0.99
CA PHE A 140 12.39 -4.08 0.40
C PHE A 140 11.14 -4.60 1.05
N GLY A 141 11.35 -5.48 2.01
CA GLY A 141 10.31 -5.94 2.89
C GLY A 141 10.72 -5.62 4.32
N TYR A 142 9.73 -5.36 5.17
CA TYR A 142 9.99 -4.96 6.54
C TYR A 142 8.94 -5.57 7.46
N ALA A 143 9.35 -5.87 8.68
CA ALA A 143 8.42 -6.30 9.72
C ALA A 143 8.96 -5.86 11.07
N THR A 144 8.04 -5.56 11.99
CA THR A 144 8.36 -5.12 13.33
C THR A 144 7.37 -5.75 14.29
N ASP A 145 7.88 -6.27 15.39
CA ASP A 145 7.02 -6.91 16.38
C ASP A 145 6.23 -5.94 17.25
N GLU A 146 6.28 -4.65 16.95
CA GLU A 146 5.63 -3.68 17.82
C GLU A 146 4.11 -3.78 17.78
N THR A 147 3.51 -4.38 16.74
CA THR A 147 2.09 -4.67 16.65
C THR A 147 1.94 -6.12 16.22
N GLU A 148 0.77 -6.70 16.51
CA GLU A 148 0.51 -8.09 16.18
CA GLU A 148 0.50 -8.09 16.18
C GLU A 148 0.66 -8.33 14.69
N GLU A 149 0.20 -7.39 13.89
CA GLU A 149 0.27 -7.51 12.45
C GLU A 149 1.65 -7.17 11.89
N CYS A 150 2.61 -6.89 12.75
CA CYS A 150 4.00 -6.71 12.38
C CYS A 150 4.24 -5.48 11.53
N MET A 151 3.49 -4.41 11.83
CA MET A 151 3.59 -3.12 11.16
C MET A 151 3.91 -2.00 12.15
N PRO A 152 4.47 -0.88 11.68
CA PRO A 152 4.70 0.25 12.59
C PRO A 152 3.38 0.82 13.10
N LEU A 153 3.32 1.10 14.39
CA LEU A 153 2.11 1.69 14.96
C LEU A 153 1.77 3.02 14.30
N THR A 154 2.77 3.85 14.00
CA THR A 154 2.49 5.16 13.38
C THR A 154 1.60 5.04 12.16
N ILE A 155 1.95 4.12 11.25
CA ILE A 155 1.17 4.00 10.03
C ILE A 155 -0.13 3.26 10.23
N VAL A 156 -0.16 2.27 11.10
CA VAL A 156 -1.43 1.60 11.39
C VAL A 156 -2.45 2.61 11.88
N LEU A 157 -2.07 3.42 12.87
CA LEU A 157 -3.00 4.40 13.38
C LEU A 157 -3.41 5.38 12.29
N ALA A 158 -2.45 5.83 11.48
CA ALA A 158 -2.79 6.78 10.41
C ALA A 158 -3.82 6.19 9.45
N HIS A 159 -3.63 4.94 9.04
CA HIS A 159 -4.59 4.29 8.15
C HIS A 159 -5.96 4.21 8.81
N LYS A 160 -5.99 3.77 10.07
CA LYS A 160 -7.26 3.57 10.75
CA LYS A 160 -7.25 3.58 10.78
C LYS A 160 -8.02 4.87 10.91
N LEU A 161 -7.33 6.00 11.07
CA LEU A 161 -8.02 7.28 11.13
C LEU A 161 -8.71 7.58 9.81
N ASN A 162 -8.05 7.34 8.67
CA ASN A 162 -8.73 7.51 7.38
C ASN A 162 -9.90 6.55 7.20
N ALA A 163 -9.75 5.30 7.66
CA ALA A 163 -10.83 4.35 7.50
C ALA A 163 -12.03 4.77 8.35
N LYS A 164 -11.78 5.33 9.54
CA LYS A 164 -12.85 5.81 10.39
C LYS A 164 -13.60 6.96 9.74
N LEU A 165 -12.88 7.89 9.11
CA LEU A 165 -13.56 8.95 8.38
C LEU A 165 -14.48 8.36 7.31
N ALA A 166 -13.98 7.40 6.53
CA ALA A 166 -14.83 6.85 5.47
C ALA A 166 -16.04 6.14 6.06
N GLU A 167 -15.87 5.48 7.21
CA GLU A 167 -16.97 4.78 7.85
C GLU A 167 -18.07 5.75 8.27
N LEU A 168 -17.67 6.88 8.87
CA LEU A 168 -18.63 7.85 9.40
C LEU A 168 -19.26 8.68 8.29
N ARG A 169 -18.54 8.82 7.18
CA ARG A 169 -19.11 9.37 5.95
C ARG A 169 -20.17 8.43 5.38
N ARG A 170 -19.83 7.17 5.22
CA ARG A 170 -20.73 6.21 4.58
C ARG A 170 -21.94 5.88 5.44
N ASN A 171 -21.83 5.91 6.77
CA ASN A 171 -22.98 5.61 7.61
C ASN A 171 -23.83 6.84 7.93
N GLY A 172 -23.47 7.99 7.39
CA GLY A 172 -24.27 9.17 7.52
C GLY A 172 -24.18 9.88 8.85
N THR A 173 -23.30 9.50 9.75
N THR A 173 -23.31 9.41 9.75
CA THR A 173 -23.28 10.23 11.02
CA THR A 173 -23.05 10.06 11.03
C THR A 173 -22.48 11.52 10.96
C THR A 173 -22.57 11.49 10.85
N LEU A 174 -21.57 11.68 10.00
CA LEU A 174 -20.91 12.95 9.73
C LEU A 174 -21.11 13.24 8.25
N PRO A 175 -22.30 13.69 7.86
CA PRO A 175 -22.63 13.75 6.42
C PRO A 175 -21.93 14.89 5.69
N TRP A 176 -21.29 15.79 6.41
CA TRP A 176 -20.47 16.83 5.84
C TRP A 176 -19.12 16.34 5.33
N LEU A 177 -18.74 15.12 5.67
CA LEU A 177 -17.46 14.59 5.19
C LEU A 177 -17.51 14.31 3.70
N ARG A 178 -16.36 14.47 3.05
CA ARG A 178 -16.18 14.09 1.66
C ARG A 178 -15.05 13.06 1.58
N PRO A 179 -14.79 12.48 0.42
CA PRO A 179 -13.88 11.32 0.39
C PRO A 179 -12.39 11.60 0.54
N ASP A 180 -11.94 12.81 0.23
CA ASP A 180 -10.52 13.15 0.24
C ASP A 180 -10.07 13.46 1.67
N SER A 181 -9.11 12.71 2.19
CA SER A 181 -8.59 12.94 3.54
C SER A 181 -7.12 12.58 3.61
N LYS A 182 -6.44 13.17 4.60
CA LYS A 182 -5.08 12.84 4.98
C LYS A 182 -4.99 12.83 6.49
N THR A 183 -4.12 11.96 7.01
CA THR A 183 -3.86 11.90 8.44
C THR A 183 -2.37 11.71 8.65
N GLN A 184 -1.91 12.04 9.85
CA GLN A 184 -0.49 11.93 10.15
C GLN A 184 -0.37 11.73 11.64
N VAL A 185 0.45 10.76 12.03
CA VAL A 185 0.62 10.40 13.43
C VAL A 185 2.10 10.37 13.80
N THR A 186 2.44 11.09 14.85
CA THR A 186 3.79 11.10 15.41
C THR A 186 3.72 10.37 16.74
N VAL A 187 4.55 9.33 16.91
CA VAL A 187 4.61 8.55 18.13
C VAL A 187 5.99 8.74 18.75
N GLN A 188 6.01 8.81 20.08
CA GLN A 188 7.24 8.75 20.85
C GLN A 188 7.52 7.29 21.16
N TYR A 189 8.72 6.84 20.78
CA TYR A 189 9.18 5.48 20.95
C TYR A 189 10.35 5.41 21.91
N MET A 190 10.51 4.22 22.46
CA MET A 190 11.69 3.83 23.22
CA MET A 190 11.68 3.82 23.23
C MET A 190 12.45 2.77 22.45
N GLN A 191 13.76 2.89 22.40
N GLN A 191 13.77 2.89 22.42
CA GLN A 191 14.61 1.84 21.84
CA GLN A 191 14.62 1.86 21.86
C GLN A 191 14.66 0.66 22.80
C GLN A 191 14.65 0.65 22.80
N ASP A 192 14.78 -0.55 22.23
CA ASP A 192 14.83 -1.77 23.03
C ASP A 192 15.64 -2.85 22.28
N ARG A 193 16.96 -2.73 22.38
CA ARG A 193 17.88 -3.71 21.80
C ARG A 193 17.66 -3.87 20.29
N GLY A 194 17.46 -2.76 19.60
CA GLY A 194 17.18 -2.77 18.19
C GLY A 194 15.71 -2.82 17.84
N ALA A 195 14.86 -3.35 18.73
CA ALA A 195 13.42 -3.26 18.55
C ALA A 195 12.95 -1.89 19.01
N VAL A 196 11.71 -1.57 18.68
CA VAL A 196 11.15 -0.28 19.04
C VAL A 196 9.83 -0.49 19.77
N LEU A 197 9.59 0.32 20.80
CA LEU A 197 8.44 0.20 21.69
C LEU A 197 7.68 1.51 21.68
N PRO A 198 6.43 1.54 21.21
CA PRO A 198 5.66 2.79 21.26
C PRO A 198 5.34 3.16 22.69
N ILE A 199 5.43 4.45 22.99
CA ILE A 199 5.11 4.99 24.30
C ILE A 199 3.80 5.77 24.28
N ARG A 200 3.72 6.77 23.41
N ARG A 200 3.70 6.76 23.40
CA ARG A 200 2.61 7.71 23.42
CA ARG A 200 2.51 7.57 23.36
C ARG A 200 2.49 8.34 22.05
C ARG A 200 2.47 8.32 22.04
N VAL A 201 1.31 8.88 21.76
CA VAL A 201 1.10 9.70 20.58
C VAL A 201 1.40 11.15 20.92
N HIS A 202 2.35 11.72 20.18
CA HIS A 202 2.84 13.08 20.36
C HIS A 202 2.00 14.08 19.60
N THR A 203 1.66 13.79 18.35
CA THR A 203 0.91 14.72 17.50
C THR A 203 0.04 13.94 16.54
N ILE A 204 -1.19 14.42 16.30
CA ILE A 204 -2.05 13.89 15.24
C ILE A 204 -2.47 15.04 14.35
N VAL A 205 -2.39 14.82 13.04
CA VAL A 205 -2.96 15.72 12.02
C VAL A 205 -4.12 14.98 11.35
N ILE A 206 -5.24 15.67 11.15
CA ILE A 206 -6.29 15.20 10.25
C ILE A 206 -6.74 16.37 9.40
N SER A 207 -6.74 16.18 8.08
CA SER A 207 -7.35 17.11 7.14
C SER A 207 -8.34 16.34 6.28
N VAL A 208 -9.57 16.83 6.19
CA VAL A 208 -10.57 16.13 5.39
C VAL A 208 -11.48 17.11 4.69
N GLN A 209 -11.75 16.81 3.43
CA GLN A 209 -12.64 17.63 2.63
C GLN A 209 -14.05 17.59 3.22
N HIS A 210 -14.73 18.73 3.12
CA HIS A 210 -15.99 18.91 3.83
C HIS A 210 -16.93 19.81 3.04
N ASP A 211 -18.21 19.77 3.42
CA ASP A 211 -19.20 20.59 2.75
C ASP A 211 -19.09 22.07 3.16
N GLU A 212 -19.77 22.90 2.40
CA GLU A 212 -19.71 24.35 2.57
C GLU A 212 -20.42 24.85 3.81
N GLU A 213 -21.25 24.05 4.44
CA GLU A 213 -22.08 24.54 5.54
CA GLU A 213 -22.10 24.50 5.54
C GLU A 213 -21.50 24.28 6.92
N VAL A 214 -20.70 23.22 7.12
CA VAL A 214 -20.25 22.89 8.47
C VAL A 214 -19.13 23.85 8.90
N CYS A 215 -19.13 24.22 10.17
CA CYS A 215 -18.15 25.16 10.68
C CYS A 215 -16.94 24.42 11.27
N LEU A 216 -15.85 25.16 11.38
CA LEU A 216 -14.61 24.61 11.88
C LEU A 216 -14.75 24.01 13.25
N ASP A 217 -15.46 24.66 14.17
CA ASP A 217 -15.56 24.11 15.52
C ASP A 217 -16.31 22.78 15.53
N GLU A 218 -17.40 22.67 14.76
CA GLU A 218 -18.12 21.41 14.72
C GLU A 218 -17.21 20.32 14.17
N MET A 219 -16.43 20.66 13.14
CA MET A 219 -15.54 19.66 12.56
C MET A 219 -14.45 19.24 13.54
N ARG A 220 -13.80 20.22 14.19
CA ARG A 220 -12.70 19.88 15.08
C ARG A 220 -13.19 19.05 16.26
N ASP A 221 -14.36 19.38 16.79
CA ASP A 221 -14.90 18.59 17.89
C ASP A 221 -15.19 17.17 17.44
N ALA A 222 -15.83 17.01 16.28
CA ALA A 222 -16.10 15.67 15.77
C ALA A 222 -14.84 14.88 15.48
N LEU A 223 -13.84 15.51 14.89
CA LEU A 223 -12.61 14.78 14.60
C LEU A 223 -11.94 14.28 15.86
N LYS A 224 -11.98 15.06 16.95
CA LYS A 224 -11.39 14.58 18.19
CA LYS A 224 -11.39 14.58 18.19
CA LYS A 224 -11.39 14.58 18.19
C LYS A 224 -12.23 13.49 18.82
N GLU A 225 -13.54 13.73 18.97
CA GLU A 225 -14.38 12.85 19.77
C GLU A 225 -14.83 11.61 19.02
N LYS A 226 -15.17 11.75 17.75
CA LYS A 226 -15.76 10.65 16.99
CA LYS A 226 -15.75 10.66 17.00
C LYS A 226 -14.77 9.93 16.10
N VAL A 227 -13.62 10.55 15.80
CA VAL A 227 -12.61 9.93 14.97
C VAL A 227 -11.42 9.49 15.82
N ILE A 228 -10.68 10.45 16.39
CA ILE A 228 -9.49 10.07 17.14
C ILE A 228 -9.82 9.15 18.31
N LYS A 229 -10.78 9.54 19.14
CA LYS A 229 -11.03 8.71 20.30
C LYS A 229 -11.61 7.35 19.93
N ALA A 230 -12.23 7.22 18.78
CA ALA A 230 -12.74 5.93 18.32
C ALA A 230 -11.67 5.04 17.72
N VAL A 231 -10.45 5.54 17.53
CA VAL A 231 -9.38 4.83 16.86
C VAL A 231 -8.17 4.62 17.77
N VAL A 232 -7.73 5.68 18.42
CA VAL A 232 -6.46 5.66 19.15
C VAL A 232 -6.71 5.34 20.62
N PRO A 233 -6.13 4.28 21.17
CA PRO A 233 -6.34 3.98 22.58
C PRO A 233 -5.97 5.15 23.47
N ALA A 234 -6.82 5.36 24.48
CA ALA A 234 -6.63 6.50 25.37
C ALA A 234 -5.28 6.45 26.09
N LYS A 235 -4.74 5.25 26.30
CA LYS A 235 -3.45 5.14 26.97
C LYS A 235 -2.34 5.84 26.21
N TYR A 236 -2.52 6.10 24.93
CA TYR A 236 -1.52 6.81 24.14
C TYR A 236 -1.73 8.32 24.07
N LEU A 237 -2.87 8.81 24.54
CA LEU A 237 -3.21 10.21 24.43
C LEU A 237 -3.13 10.83 25.81
N ASP A 238 -2.50 11.99 25.93
CA ASP A 238 -2.38 12.64 27.23
C ASP A 238 -2.48 14.15 27.06
N GLU A 239 -2.26 14.87 28.15
CA GLU A 239 -2.41 16.33 28.17
C GLU A 239 -1.42 17.01 27.24
N ASP A 240 -0.34 16.32 26.89
CA ASP A 240 0.67 16.90 26.03
C ASP A 240 0.44 16.65 24.54
N THR A 241 -0.43 15.70 24.17
CA THR A 241 -0.63 15.38 22.76
C THR A 241 -1.10 16.62 22.01
N ILE A 242 -0.53 16.84 20.84
CA ILE A 242 -0.83 17.99 20.00
C ILE A 242 -1.79 17.55 18.92
N TYR A 243 -2.85 18.32 18.70
CA TYR A 243 -3.83 18.03 17.66
C TYR A 243 -3.86 19.14 16.64
N HIS A 244 -3.67 18.78 15.36
CA HIS A 244 -3.80 19.69 14.23
C HIS A 244 -4.97 19.17 13.40
N LEU A 245 -6.18 19.69 13.68
CA LEU A 245 -7.43 19.18 13.09
C LEU A 245 -7.93 20.26 12.16
N GLN A 246 -8.12 19.92 10.89
CA GLN A 246 -8.41 20.90 9.86
C GLN A 246 -7.45 22.10 9.96
N PRO A 247 -6.14 21.85 10.00
CA PRO A 247 -5.18 22.95 10.20
C PRO A 247 -5.16 23.98 9.08
N SER A 248 -5.60 23.65 7.87
CA SER A 248 -5.67 24.68 6.83
C SER A 248 -6.85 25.62 7.00
N GLY A 249 -7.79 25.29 7.87
CA GLY A 249 -8.96 26.13 8.12
C GLY A 249 -10.09 25.94 7.16
N ARG A 250 -9.88 25.42 5.96
CA ARG A 250 -10.96 25.31 4.99
C ARG A 250 -10.50 24.35 3.92
N PHE A 251 -11.32 23.35 3.64
CA PHE A 251 -11.03 22.25 2.70
C PHE A 251 -12.34 21.85 2.05
N VAL A 252 -12.97 22.80 1.34
CA VAL A 252 -14.19 22.52 0.58
C VAL A 252 -13.87 21.95 -0.80
N ILE A 253 -12.96 22.61 -1.52
CA ILE A 253 -12.39 22.08 -2.77
C ILE A 253 -11.47 20.91 -2.42
N GLY A 254 -11.70 19.78 -3.07
CA GLY A 254 -10.87 18.64 -2.79
C GLY A 254 -10.98 17.63 -3.91
N GLY A 255 -10.45 16.45 -3.66
CA GLY A 255 -10.31 15.47 -4.71
C GLY A 255 -9.43 16.00 -5.82
N PRO A 256 -9.54 15.43 -7.02
CA PRO A 256 -8.71 15.89 -8.17
C PRO A 256 -8.85 17.36 -8.47
N GLN A 257 -9.99 17.96 -8.18
CA GLN A 257 -10.15 19.39 -8.38
C GLN A 257 -9.17 20.20 -7.53
N GLY A 258 -8.89 19.75 -6.31
CA GLY A 258 -7.94 20.46 -5.49
C GLY A 258 -6.49 20.16 -5.75
N ASP A 259 -6.19 19.01 -6.34
CA ASP A 259 -4.82 18.54 -6.43
C ASP A 259 -4.81 17.37 -7.40
N ALA A 260 -3.99 17.45 -8.45
CA ALA A 260 -3.87 16.35 -9.39
C ALA A 260 -3.42 15.07 -8.69
N GLY A 261 -3.93 13.95 -9.16
CA GLY A 261 -3.52 12.66 -8.66
C GLY A 261 -2.86 11.83 -9.74
N LEU A 262 -1.92 10.98 -9.32
CA LEU A 262 -1.26 10.04 -10.22
C LEU A 262 -1.08 8.71 -9.53
N THR A 263 -1.10 7.62 -10.30
CA THR A 263 -0.75 6.32 -9.73
C THR A 263 0.69 6.32 -9.21
N GLY A 264 0.91 5.67 -8.09
CA GLY A 264 2.28 5.47 -7.64
C GLY A 264 2.93 6.66 -6.99
N ARG A 265 2.13 7.55 -6.41
CA ARG A 265 2.61 8.73 -5.71
C ARG A 265 2.33 8.64 -4.21
N LYS A 266 1.95 7.47 -3.72
CA LYS A 266 1.77 7.24 -2.29
C LYS A 266 2.49 5.95 -1.87
N ILE A 267 3.73 5.79 -2.35
CA ILE A 267 4.39 4.50 -2.20
C ILE A 267 4.82 4.22 -0.78
N ILE A 268 5.00 5.27 0.03
CA ILE A 268 5.36 5.13 1.43
C ILE A 268 4.12 4.87 2.28
N VAL A 269 2.99 5.51 1.94
CA VAL A 269 1.69 5.15 2.54
C VAL A 269 1.35 3.70 2.24
N ASP A 270 1.72 3.22 1.04
CA ASP A 270 1.39 1.87 0.62
C ASP A 270 2.17 0.82 1.38
N THR A 271 3.28 1.22 2.01
CA THR A 271 4.25 0.28 2.56
C THR A 271 4.40 0.52 4.05
N TYR A 272 5.46 1.18 4.51
CA TYR A 272 5.84 1.17 5.92
C TYR A 272 5.89 2.56 6.56
N GLY A 273 5.39 3.61 5.91
CA GLY A 273 5.26 4.88 6.62
C GLY A 273 6.58 5.53 6.98
N GLY A 274 7.64 5.24 6.22
CA GLY A 274 8.95 5.79 6.45
C GLY A 274 9.89 4.82 7.13
N TRP A 275 9.35 3.81 7.81
CA TRP A 275 10.16 2.80 8.44
C TRP A 275 10.70 1.84 7.37
N GLY A 276 11.70 1.05 7.73
CA GLY A 276 12.27 0.10 6.79
C GLY A 276 13.00 0.81 5.67
N ALA A 277 12.60 0.62 4.41
CA ALA A 277 13.22 1.28 3.26
C ALA A 277 12.29 1.06 2.08
N HIS A 278 12.56 1.75 0.98
CA HIS A 278 11.77 1.57 -0.24
C HIS A 278 12.71 1.61 -1.44
N GLY A 279 12.43 0.76 -2.44
CA GLY A 279 13.20 0.77 -3.68
C GLY A 279 12.70 1.66 -4.77
N GLY A 280 11.53 2.28 -4.61
CA GLY A 280 11.03 3.30 -5.49
C GLY A 280 9.87 2.88 -6.36
N GLY A 281 9.65 1.60 -6.57
CA GLY A 281 8.61 1.15 -7.49
C GLY A 281 7.21 1.26 -6.92
N ALA A 282 6.28 1.60 -7.78
CA ALA A 282 4.87 1.63 -7.44
C ALA A 282 4.25 0.25 -7.61
N PHE A 283 3.18 -0.02 -6.87
CA PHE A 283 2.47 -1.28 -6.93
C PHE A 283 1.29 -1.32 -7.90
N SER A 284 0.46 -0.27 -7.91
CA SER A 284 -0.86 -0.43 -8.52
C SER A 284 -0.77 -0.40 -10.03
N GLY A 285 -1.67 -1.16 -10.65
CA GLY A 285 -1.76 -1.21 -12.09
C GLY A 285 -0.85 -2.21 -12.78
N LYS A 286 -0.16 -3.07 -12.02
N LYS A 286 -0.17 -3.08 -12.03
CA LYS A 286 0.90 -3.95 -12.52
CA LYS A 286 0.89 -3.95 -12.55
C LYS A 286 0.56 -5.41 -12.22
C LYS A 286 0.60 -5.41 -12.22
N ASP A 287 0.73 -6.27 -13.22
CA ASP A 287 0.64 -7.72 -13.04
C ASP A 287 1.91 -8.29 -12.40
N TYR A 288 1.86 -9.59 -12.10
CA TYR A 288 2.89 -10.21 -11.25
C TYR A 288 4.29 -10.19 -11.86
N THR A 289 4.42 -10.07 -13.17
CA THR A 289 5.74 -10.06 -13.77
C THR A 289 6.50 -8.77 -13.46
N LYS A 290 5.80 -7.74 -13.00
CA LYS A 290 6.44 -6.50 -12.60
C LYS A 290 6.86 -6.70 -11.14
N VAL A 291 8.14 -7.02 -10.95
CA VAL A 291 8.71 -7.29 -9.63
C VAL A 291 8.61 -6.13 -8.65
N ASP A 292 8.42 -4.89 -9.13
CA ASP A 292 8.14 -3.79 -8.20
C ASP A 292 7.06 -4.18 -7.20
N ARG A 293 6.04 -4.88 -7.67
CA ARG A 293 4.97 -5.34 -6.80
C ARG A 293 5.26 -6.75 -6.26
N SER A 294 5.36 -7.74 -7.13
CA SER A 294 5.47 -9.11 -6.63
C SER A 294 6.65 -9.34 -5.71
N ALA A 295 7.80 -8.73 -6.00
CA ALA A 295 8.95 -8.99 -5.16
C ALA A 295 8.86 -8.21 -3.86
N ALA A 296 8.23 -7.04 -3.86
CA ALA A 296 7.98 -6.34 -2.61
C ALA A 296 7.01 -7.11 -1.73
N TYR A 297 5.98 -7.70 -2.36
CA TYR A 297 5.07 -8.54 -1.58
C TYR A 297 5.82 -9.75 -1.01
N ALA A 298 6.67 -10.39 -1.83
CA ALA A 298 7.43 -11.53 -1.35
C ALA A 298 8.40 -11.12 -0.25
N ALA A 299 9.02 -9.94 -0.36
CA ALA A 299 9.95 -9.51 0.67
C ALA A 299 9.24 -9.22 1.99
N ARG A 300 8.01 -8.67 1.91
CA ARG A 300 7.19 -8.54 3.11
C ARG A 300 6.93 -9.89 3.73
N TRP A 301 6.59 -10.87 2.89
CA TRP A 301 6.29 -12.22 3.35
C TRP A 301 7.48 -12.83 4.05
N VAL A 302 8.68 -12.63 3.48
CA VAL A 302 9.90 -13.09 4.12
C VAL A 302 10.08 -12.43 5.47
N ALA A 303 10.00 -11.10 5.50
CA ALA A 303 10.23 -10.36 6.74
C ALA A 303 9.25 -10.77 7.82
N LYS A 304 7.98 -10.84 7.46
CA LYS A 304 6.99 -11.24 8.44
C LYS A 304 7.17 -12.68 8.91
N SER A 305 7.62 -13.57 8.02
CA SER A 305 7.91 -14.95 8.39
C SER A 305 9.08 -15.03 9.37
N LEU A 306 10.11 -14.20 9.18
CA LEU A 306 11.23 -14.18 10.14
C LEU A 306 10.78 -13.69 11.52
N VAL A 307 9.94 -12.67 11.58
CA VAL A 307 9.48 -12.16 12.87
C VAL A 307 8.52 -13.16 13.54
N LYS A 308 7.51 -13.61 12.79
N LYS A 308 7.51 -13.62 12.80
CA LYS A 308 6.54 -14.54 13.34
CA LYS A 308 6.54 -14.55 13.36
C LYS A 308 7.18 -15.88 13.69
C LYS A 308 7.18 -15.89 13.69
N GLY A 309 8.25 -16.25 13.01
CA GLY A 309 8.98 -17.46 13.31
C GLY A 309 9.90 -17.34 14.49
N GLY A 310 9.97 -16.16 15.10
CA GLY A 310 10.77 -15.95 16.28
C GLY A 310 12.25 -15.77 16.05
N LEU A 311 12.68 -15.56 14.80
CA LEU A 311 14.09 -15.40 14.50
C LEU A 311 14.55 -13.98 14.72
N CYS A 312 13.66 -13.02 14.78
N CYS A 312 13.66 -13.00 14.57
CA CYS A 312 14.06 -11.65 15.03
CA CYS A 312 13.97 -11.59 14.73
C CYS A 312 12.81 -10.84 15.35
C CYS A 312 12.80 -10.93 15.45
N ARG A 313 13.05 -9.71 16.00
CA ARG A 313 11.95 -8.82 16.40
C ARG A 313 11.65 -7.77 15.34
N ARG A 314 12.61 -7.48 14.48
CA ARG A 314 12.51 -6.40 13.51
C ARG A 314 13.50 -6.72 12.42
N VAL A 315 13.08 -6.59 11.17
CA VAL A 315 13.95 -7.00 10.08
C VAL A 315 13.61 -6.26 8.80
N LEU A 316 14.65 -6.00 8.00
CA LEU A 316 14.56 -5.41 6.68
C LEU A 316 15.23 -6.35 5.70
N VAL A 317 14.54 -6.61 4.59
CA VAL A 317 15.00 -7.51 3.53
C VAL A 317 15.10 -6.68 2.25
N GLN A 318 16.26 -6.73 1.56
CA GLN A 318 16.37 -6.16 0.22
C GLN A 318 16.50 -7.29 -0.80
N VAL A 319 15.90 -7.10 -1.98
N VAL A 319 15.86 -7.13 -1.94
CA VAL A 319 16.07 -7.98 -3.13
CA VAL A 319 16.11 -7.95 -3.13
C VAL A 319 16.14 -7.09 -4.36
C VAL A 319 16.33 -7.01 -4.30
N SER A 320 16.88 -7.54 -5.38
CA SER A 320 16.97 -6.77 -6.62
C SER A 320 16.99 -7.71 -7.82
N TYR A 321 16.70 -7.14 -9.00
CA TYR A 321 16.53 -7.90 -10.23
C TYR A 321 17.12 -7.16 -11.41
N ALA A 322 17.36 -7.91 -12.49
CA ALA A 322 17.62 -7.36 -13.80
C ALA A 322 16.48 -7.79 -14.73
N ILE A 323 16.04 -6.89 -15.62
CA ILE A 323 15.04 -7.26 -16.62
C ILE A 323 15.49 -8.51 -17.38
N GLY A 324 14.57 -9.46 -17.52
CA GLY A 324 14.82 -10.66 -18.26
C GLY A 324 15.49 -11.77 -17.50
N VAL A 325 15.91 -11.54 -16.26
CA VAL A 325 16.60 -12.53 -15.46
C VAL A 325 15.66 -12.97 -14.35
N SER A 326 15.51 -14.28 -14.15
CA SER A 326 14.54 -14.76 -13.19
CA SER A 326 14.55 -14.80 -13.19
C SER A 326 15.01 -14.62 -11.74
N HIS A 327 16.21 -15.13 -11.42
CA HIS A 327 16.65 -15.09 -10.03
C HIS A 327 17.06 -13.68 -9.62
N PRO A 328 16.82 -13.31 -8.37
CA PRO A 328 17.32 -12.03 -7.86
CA PRO A 328 17.31 -12.01 -7.91
C PRO A 328 18.82 -11.92 -8.03
N LEU A 329 19.27 -10.70 -8.31
CA LEU A 329 20.70 -10.41 -8.38
CA LEU A 329 20.70 -10.41 -8.38
C LEU A 329 21.33 -10.30 -7.00
N SER A 330 20.56 -9.90 -6.00
CA SER A 330 21.07 -9.71 -4.65
C SER A 330 19.93 -9.97 -3.69
N ILE A 331 20.27 -10.49 -2.52
CA ILE A 331 19.35 -10.61 -1.39
C ILE A 331 20.14 -10.21 -0.15
N SER A 332 19.54 -9.38 0.70
CA SER A 332 20.22 -8.88 1.89
C SER A 332 19.24 -8.82 3.04
N ILE A 333 19.77 -9.03 4.25
CA ILE A 333 18.96 -9.05 5.46
C ILE A 333 19.63 -8.16 6.49
N PHE A 334 18.84 -7.33 7.16
CA PHE A 334 19.32 -6.53 8.28
CA PHE A 334 19.31 -6.50 8.26
C PHE A 334 18.35 -6.70 9.43
N HIS A 335 18.85 -7.18 10.57
CA HIS A 335 17.97 -7.51 11.70
C HIS A 335 18.04 -6.52 12.84
N TYR A 336 18.76 -5.40 12.68
CA TYR A 336 18.79 -4.33 13.67
C TYR A 336 19.36 -4.77 15.01
N GLY A 337 20.05 -5.90 15.03
CA GLY A 337 20.53 -6.49 16.28
C GLY A 337 19.51 -7.28 17.05
N THR A 338 18.37 -7.63 16.43
CA THR A 338 17.26 -8.25 17.15
C THR A 338 17.18 -9.76 16.96
N SER A 339 18.24 -10.39 16.49
CA SER A 339 18.32 -11.84 16.39
C SER A 339 19.60 -12.30 17.07
N GLN A 340 19.54 -13.51 17.64
CA GLN A 340 20.77 -14.17 18.08
C GLN A 340 21.59 -14.66 16.89
N LYS A 341 20.93 -14.96 15.78
CA LYS A 341 21.63 -15.41 14.59
C LYS A 341 22.22 -14.22 13.85
N SER A 342 23.35 -14.44 13.20
CA SER A 342 23.93 -13.41 12.37
C SER A 342 23.05 -13.15 11.15
N GLU A 343 23.18 -11.96 10.57
CA GLU A 343 22.51 -11.68 9.31
C GLU A 343 22.91 -12.69 8.23
N ARG A 344 24.15 -13.12 8.23
CA ARG A 344 24.58 -14.17 7.31
C ARG A 344 23.75 -15.44 7.48
N GLU A 345 23.56 -15.88 8.74
CA GLU A 345 22.76 -17.09 8.98
C GLU A 345 21.31 -16.90 8.56
N LEU A 346 20.74 -15.73 8.84
CA LEU A 346 19.36 -15.49 8.42
C LEU A 346 19.25 -15.53 6.90
N LEU A 347 20.26 -15.00 6.20
CA LEU A 347 20.21 -15.02 4.74
C LEU A 347 20.22 -16.45 4.23
N GLU A 348 21.01 -17.33 4.84
CA GLU A 348 21.00 -18.73 4.46
C GLU A 348 19.64 -19.38 4.72
N ILE A 349 19.01 -19.06 5.85
CA ILE A 349 17.66 -19.56 6.11
C ILE A 349 16.68 -19.08 5.04
N VAL A 350 16.76 -17.80 4.68
CA VAL A 350 15.86 -17.27 3.64
C VAL A 350 16.11 -17.99 2.33
N LYS A 351 17.37 -18.15 1.93
CA LYS A 351 17.66 -18.79 0.65
C LYS A 351 17.19 -20.23 0.63
N LYS A 352 17.21 -20.90 1.78
N LYS A 352 17.22 -20.91 1.77
CA LYS A 352 16.79 -22.29 1.90
CA LYS A 352 16.76 -22.30 1.81
C LYS A 352 15.28 -22.47 2.00
C LYS A 352 15.24 -22.40 1.74
N ASN A 353 14.53 -21.39 2.23
CA ASN A 353 13.09 -21.48 2.43
C ASN A 353 12.26 -20.74 1.39
N PHE A 354 12.86 -19.85 0.62
CA PHE A 354 12.13 -19.03 -0.32
C PHE A 354 12.79 -19.09 -1.69
N ASP A 355 11.96 -19.03 -2.74
CA ASP A 355 12.40 -18.95 -4.13
C ASP A 355 11.76 -17.66 -4.66
N LEU A 356 12.60 -16.64 -4.87
CA LEU A 356 12.12 -15.31 -5.20
C LEU A 356 12.16 -15.02 -6.70
N ARG A 357 12.17 -16.05 -7.52
CA ARG A 357 11.88 -15.85 -8.93
C ARG A 357 10.42 -15.41 -9.08
N PRO A 358 10.13 -14.45 -9.96
CA PRO A 358 8.72 -14.01 -10.09
C PRO A 358 7.77 -15.12 -10.50
N GLY A 359 8.25 -16.05 -11.32
CA GLY A 359 7.44 -17.16 -11.76
C GLY A 359 7.21 -18.22 -10.70
N VAL A 360 7.83 -18.09 -9.53
CA VAL A 360 7.51 -18.91 -8.37
C VAL A 360 6.72 -18.10 -7.36
N ILE A 361 7.11 -16.84 -7.15
CA ILE A 361 6.29 -15.97 -6.30
C ILE A 361 4.83 -15.98 -6.72
N VAL A 362 4.57 -15.96 -8.02
CA VAL A 362 3.18 -15.91 -8.49
C VAL A 362 2.38 -17.10 -7.98
N ARG A 363 3.00 -18.29 -7.93
N ARG A 363 3.00 -18.28 -7.90
CA ARG A 363 2.33 -19.46 -7.37
CA ARG A 363 2.35 -19.48 -7.39
C ARG A 363 2.16 -19.34 -5.86
C ARG A 363 2.19 -19.45 -5.87
N ASP A 364 3.23 -19.02 -5.15
CA ASP A 364 3.18 -18.99 -3.71
C ASP A 364 2.18 -17.96 -3.19
N LEU A 365 2.08 -16.81 -3.85
CA LEU A 365 1.25 -15.70 -3.39
C LEU A 365 -0.04 -15.55 -4.21
N ASP A 366 -0.28 -16.45 -5.15
CA ASP A 366 -1.54 -16.50 -5.91
C ASP A 366 -1.80 -15.20 -6.66
N LEU A 367 -0.78 -14.71 -7.36
CA LEU A 367 -0.78 -13.34 -7.85
C LEU A 367 -1.50 -13.14 -9.18
N LYS A 368 -2.11 -14.18 -9.71
CA LYS A 368 -3.05 -13.97 -10.81
C LYS A 368 -4.47 -13.68 -10.33
N LYS A 369 -4.73 -13.80 -9.06
CA LYS A 369 -6.08 -13.60 -8.54
C LYS A 369 -6.43 -12.12 -8.50
N PRO A 370 -7.65 -11.75 -8.96
CA PRO A 370 -8.05 -10.33 -9.05
C PRO A 370 -8.48 -9.75 -7.71
N ILE A 371 -7.53 -9.61 -6.79
CA ILE A 371 -7.77 -9.05 -5.47
C ILE A 371 -7.06 -7.72 -5.29
N TYR A 372 -6.54 -7.15 -6.38
CA TYR A 372 -5.65 -6.00 -6.26
C TYR A 372 -6.35 -4.72 -5.86
N GLN A 373 -7.57 -4.47 -6.33
CA GLN A 373 -8.20 -3.22 -5.91
C GLN A 373 -8.32 -3.15 -4.39
N ARG A 374 -8.48 -4.31 -3.72
CA ARG A 374 -8.56 -4.30 -2.26
C ARG A 374 -7.26 -3.86 -1.61
N THR A 375 -6.11 -3.96 -2.30
CA THR A 375 -4.83 -3.57 -1.73
C THR A 375 -4.57 -2.07 -1.81
N ALA A 376 -5.34 -1.34 -2.63
CA ALA A 376 -4.94 -0.02 -3.14
C ALA A 376 -5.34 1.16 -2.26
N ALA A 377 -5.95 0.91 -1.09
CA ALA A 377 -6.11 1.93 -0.06
C ALA A 377 -5.82 1.29 1.27
N TYR A 378 -5.32 2.09 2.22
CA TYR A 378 -5.07 1.66 3.60
C TYR A 378 -3.85 0.78 3.75
N GLY A 379 -2.97 0.79 2.76
CA GLY A 379 -1.72 0.04 2.82
C GLY A 379 -1.87 -1.36 2.27
N HIS A 380 -0.80 -1.87 1.68
CA HIS A 380 -0.81 -3.22 1.09
C HIS A 380 -0.49 -4.30 2.12
N PHE A 381 0.02 -3.89 3.28
CA PHE A 381 0.59 -4.79 4.26
C PHE A 381 -0.12 -4.62 5.60
N GLY A 382 -0.09 -5.66 6.39
CA GLY A 382 -0.64 -5.64 7.73
C GLY A 382 -2.14 -5.80 7.86
N ARG A 383 -2.83 -6.17 6.78
CA ARG A 383 -4.26 -6.28 6.77
C ARG A 383 -4.76 -7.51 6.03
N ASP A 384 -5.86 -8.06 6.50
CA ASP A 384 -6.79 -8.95 5.79
CA ASP A 384 -6.73 -8.90 5.68
C ASP A 384 -6.20 -10.30 5.39
N SER A 385 -5.08 -10.69 5.95
CA SER A 385 -4.51 -12.02 5.74
C SER A 385 -4.38 -12.36 4.26
N PHE A 386 -3.95 -11.39 3.45
CA PHE A 386 -3.49 -11.67 2.08
C PHE A 386 -2.38 -12.73 2.13
N PRO A 387 -2.03 -13.39 1.02
CA PRO A 387 -1.04 -14.49 1.13
C PRO A 387 0.30 -14.04 1.69
N TRP A 388 0.74 -12.81 1.37
CA TRP A 388 2.02 -12.32 1.85
C TRP A 388 2.01 -11.96 3.33
N GLU A 389 0.83 -12.01 3.95
CA GLU A 389 0.68 -11.77 5.38
C GLU A 389 0.56 -13.04 6.19
N VAL A 390 0.53 -14.19 5.54
CA VAL A 390 0.43 -15.49 6.20
C VAL A 390 1.85 -16.05 6.29
N PRO A 391 2.46 -16.10 7.46
CA PRO A 391 3.88 -16.46 7.50
CA PRO A 391 3.89 -16.47 7.52
C PRO A 391 4.12 -17.88 7.01
N LYS A 392 5.28 -18.06 6.39
CA LYS A 392 5.73 -19.39 6.01
CA LYS A 392 5.73 -19.39 6.02
C LYS A 392 6.45 -20.02 7.19
N LYS A 393 6.13 -21.30 7.47
CA LYS A 393 6.88 -22.08 8.44
CA LYS A 393 6.88 -22.08 8.46
C LYS A 393 8.28 -22.34 7.92
N LEU A 394 9.28 -21.94 8.68
CA LEU A 394 10.66 -22.02 8.22
C LEU A 394 11.33 -23.30 8.74
N LYS A 395 12.13 -23.89 7.86
CA LYS A 395 12.91 -25.07 8.18
C LYS A 395 14.38 -24.67 8.27
N TYR A 396 15.01 -24.99 9.39
CA TYR A 396 16.41 -24.66 9.62
C TYR A 396 16.90 -25.38 10.88
#